data_5LTY
#
_entry.id   5LTY
#
_cell.length_a   68.882
_cell.length_b   46.613
_cell.length_c   120.428
_cell.angle_alpha   90.000
_cell.angle_beta   98.460
_cell.angle_gamma   90.000
#
_symmetry.space_group_name_H-M   'I 1 2 1'
#
loop_
_entity.id
_entity.type
_entity.pdbx_description
1 polymer "DNA (5'-D(P*TP*TP*GP*TP*GP*TP*TP*TP*TP*AP*(5CM)P*GP*AP*CP*CP*TP*CP*C)-3')"
2 polymer 'Homeobox protein CDX-2'
3 polymer "DNA (5'-D(P*GP*GP*AP*GP*GP*TP*(5CM)P*GP*TP*AP*AP*AP*AP*CP*AP*CP*AP*A)-3')"
4 water water
#
loop_
_entity_poly.entity_id
_entity_poly.type
_entity_poly.pdbx_seq_one_letter_code
_entity_poly.pdbx_strand_id
1 'polydeoxyribonucleotide' (DT)(DT)(DG)(DT)(DG)(DT)(DT)(DT)(DT)(DA)(5CM)(DG)(DA)(DC)(DC)(DT)(DC)(DC) A,B
2 'polypeptide(L)' TKDKYRVVYTDHQRLELEKEFHYSRYITIRRKAELAATLGLSERQVKIWFQNRRAKERKINKKKLQQQQQQ K,M
3 'polydeoxyribonucleotide' (DG)(DG)(DA)(DG)(DG)(DT)(5CM)(DG)(DT)(DA)(DA)(DA)(DA)(DC)(DA)(DC)(DA)(DA) F,E
#
# COMPACT_ATOMS: atom_id res chain seq x y z
N THR C 1 5.92 26.00 -3.79
CA THR C 1 5.96 25.00 -4.90
C THR C 1 7.29 24.16 -4.92
N LYS C 2 7.41 23.17 -5.84
CA LYS C 2 8.63 22.32 -6.07
C LYS C 2 9.06 22.16 -7.53
N ASP C 3 10.23 22.61 -8.04
CA ASP C 3 10.60 22.23 -9.41
C ASP C 3 12.10 22.36 -9.83
N LYS C 4 12.56 21.19 -10.28
CA LYS C 4 13.82 20.92 -11.00
C LYS C 4 14.08 19.41 -10.82
N TYR C 5 13.43 18.55 -11.64
CA TYR C 5 12.13 18.69 -12.34
C TYR C 5 11.05 17.76 -11.74
N ARG C 6 11.52 16.58 -11.34
CA ARG C 6 10.87 15.72 -10.39
C ARG C 6 11.87 14.85 -9.65
N VAL C 7 11.59 14.54 -8.40
CA VAL C 7 12.46 13.78 -7.52
C VAL C 7 11.83 12.41 -7.29
N VAL C 8 12.64 11.37 -7.16
CA VAL C 8 12.17 10.05 -6.81
C VAL C 8 11.99 9.92 -5.33
N TYR C 9 10.85 9.41 -4.90
CA TYR C 9 10.68 9.18 -3.48
C TYR C 9 11.30 7.86 -3.11
N THR C 10 11.89 7.82 -1.92
CA THR C 10 12.51 6.60 -1.41
C THR C 10 11.44 5.52 -1.19
N ASP C 11 11.86 4.28 -1.31
CA ASP C 11 11.00 3.12 -1.10
C ASP C 11 10.24 3.22 0.28
N HIS C 12 10.94 3.73 1.30
CA HIS C 12 10.33 3.90 2.60
C HIS C 12 9.26 4.99 2.56
N GLN C 13 9.52 6.05 1.82
CA GLN C 13 8.52 7.10 1.74
C GLN C 13 7.32 6.58 1.01
N ARG C 14 7.55 5.86 -0.09
CA ARG C 14 6.38 5.29 -0.79
C ARG C 14 5.57 4.33 0.10
N LEU C 15 6.26 3.43 0.77
CA LEU C 15 5.59 2.48 1.64
C LEU C 15 4.59 3.11 2.61
N GLU C 16 5.09 4.07 3.39
CA GLU C 16 4.22 4.78 4.31
C GLU C 16 2.99 5.42 3.63
N LEU C 17 3.22 6.02 2.47
CA LEU C 17 2.11 6.61 1.76
C LEU C 17 1.12 5.55 1.31
N GLU C 18 1.61 4.45 0.72
CA GLU C 18 0.69 3.36 0.39
C GLU C 18 -0.10 2.85 1.62
N LYS C 19 0.57 2.68 2.77
CA LYS C 19 -0.16 2.24 3.96
C LYS C 19 -1.30 3.18 4.37
N GLU C 20 -0.89 4.43 4.49
CA GLU C 20 -1.85 5.51 4.81
C GLU C 20 -3.02 5.59 3.80
N PHE C 21 -2.70 5.38 2.54
CA PHE C 21 -3.75 5.32 1.52
C PHE C 21 -4.70 4.20 1.75
N HIS C 22 -4.21 3.04 2.20
CA HIS C 22 -5.12 1.93 2.49
C HIS C 22 -5.91 2.25 3.72
N TYR C 23 -5.31 3.00 4.65
CA TYR C 23 -6.09 3.48 5.79
C TYR C 23 -7.24 4.37 5.32
N SER C 24 -6.97 5.39 4.49
CA SER C 24 -8.08 6.23 3.90
C SER C 24 -7.66 6.84 2.60
N ARG C 25 -8.51 6.84 1.60
CA ARG C 25 -8.12 7.38 0.30
C ARG C 25 -7.97 8.94 0.24
N TYR C 26 -8.46 9.65 1.25
CA TYR C 26 -8.42 11.08 1.36
C TYR C 26 -7.78 11.33 2.68
N ILE C 27 -6.82 12.21 2.67
CA ILE C 27 -6.04 12.45 3.84
C ILE C 27 -6.55 13.74 4.47
N THR C 28 -6.49 13.80 5.81
CA THR C 28 -7.03 14.94 6.51
C THR C 28 -5.93 15.92 6.60
N ILE C 29 -6.32 17.14 6.86
CA ILE C 29 -5.36 18.20 6.99
C ILE C 29 -4.39 17.86 8.12
N ARG C 30 -4.88 17.33 9.23
CA ARG C 30 -4.01 16.95 10.33
C ARG C 30 -3.05 15.83 9.91
N ARG C 31 -3.63 14.71 9.45
CA ARG C 31 -2.82 13.58 9.02
C ARG C 31 -1.72 13.99 8.05
N LYS C 32 -2.15 14.77 7.05
CA LYS C 32 -1.22 15.32 6.06
C LYS C 32 -0.03 15.95 6.72
N ALA C 33 -0.33 16.76 7.74
CA ALA C 33 0.75 17.43 8.45
C ALA C 33 1.64 16.42 9.24
N GLU C 34 1.06 15.37 9.83
CA GLU C 34 1.88 14.39 10.58
C GLU C 34 2.85 13.75 9.56
N LEU C 35 2.22 13.09 8.61
CA LEU C 35 2.94 12.41 7.54
C LEU C 35 4.03 13.26 6.89
N ALA C 36 3.68 14.47 6.45
CA ALA C 36 4.77 15.30 5.84
C ALA C 36 6.01 15.37 6.76
N ALA C 37 5.71 15.66 8.02
CA ALA C 37 6.75 15.97 8.99
C ALA C 37 7.55 14.71 9.20
N THR C 38 6.88 13.57 9.37
CA THR C 38 7.67 12.38 9.64
C THR C 38 8.34 11.87 8.39
N LEU C 39 7.92 12.25 7.20
CA LEU C 39 8.55 11.65 6.01
C LEU C 39 9.56 12.52 5.36
N GLY C 40 9.62 13.79 5.75
CA GLY C 40 10.57 14.70 5.14
C GLY C 40 10.08 14.98 3.74
N LEU C 41 8.85 15.47 3.65
CA LEU C 41 8.28 15.91 2.37
C LEU C 41 7.40 17.04 2.72
N SER C 42 7.04 17.83 1.73
CA SER C 42 6.09 18.87 1.98
C SER C 42 4.62 18.43 1.89
N GLU C 43 3.83 19.26 2.55
CA GLU C 43 2.40 19.07 2.60
C GLU C 43 1.87 19.03 1.20
N ARG C 44 2.42 19.87 0.36
CA ARG C 44 1.94 19.92 -1.00
C ARG C 44 2.29 18.59 -1.73
N GLN C 45 3.47 18.09 -1.48
CA GLN C 45 3.85 16.84 -2.11
C GLN C 45 2.95 15.72 -1.66
N VAL C 46 2.59 15.74 -0.37
CA VAL C 46 1.69 14.75 0.13
C VAL C 46 0.33 14.89 -0.47
N LYS C 47 -0.17 16.11 -0.54
CA LYS C 47 -1.43 16.40 -1.24
C LYS C 47 -1.48 15.77 -2.59
N ILE C 48 -0.44 16.11 -3.33
CA ILE C 48 -0.39 15.70 -4.70
C ILE C 48 -0.26 14.22 -4.84
N TRP C 49 0.51 13.61 -3.95
CA TRP C 49 0.72 12.16 -4.08
C TRP C 49 -0.61 11.43 -3.93
N PHE C 50 -1.40 11.90 -2.96
CA PHE C 50 -2.76 11.41 -2.77
C PHE C 50 -3.64 11.66 -3.96
N GLN C 51 -3.54 12.86 -4.51
CA GLN C 51 -4.24 12.97 -5.82
C GLN C 51 -3.79 11.92 -6.89
N ASN C 52 -2.48 11.75 -7.07
CA ASN C 52 -2.03 10.80 -8.10
C ASN C 52 -2.46 9.38 -7.81
N ARG C 53 -2.42 9.00 -6.53
CA ARG C 53 -2.78 7.61 -6.19
C ARG C 53 -4.25 7.31 -6.51
N ARG C 54 -5.13 8.28 -6.25
CA ARG C 54 -6.52 8.11 -6.67
C ARG C 54 -6.59 8.06 -8.18
N ALA C 55 -5.75 8.78 -8.88
CA ALA C 55 -5.86 8.65 -10.38
C ALA C 55 -5.40 7.25 -10.90
N LYS C 56 -4.38 6.77 -10.20
CA LYS C 56 -3.87 5.49 -10.51
C LYS C 56 -4.99 4.47 -10.21
N GLU C 57 -5.69 4.67 -9.08
CA GLU C 57 -6.72 3.74 -8.73
C GLU C 57 -7.81 3.79 -9.81
N ARG C 58 -8.16 5.00 -10.26
CA ARG C 58 -9.21 5.00 -11.31
C ARG C 58 -8.80 4.25 -12.55
N LYS C 59 -7.55 4.52 -12.91
CA LYS C 59 -6.98 3.83 -14.06
C LYS C 59 -6.92 2.27 -13.88
N ILE C 60 -6.53 1.77 -12.73
CA ILE C 60 -6.58 0.32 -12.50
C ILE C 60 -8.02 -0.25 -12.47
N ASN C 61 -8.96 0.55 -11.93
CA ASN C 61 -10.35 0.08 -11.90
C ASN C 61 -10.97 -0.02 -13.29
N LYS C 62 -10.80 1.04 -14.09
CA LYS C 62 -11.26 0.91 -15.51
C LYS C 62 -10.77 -0.35 -16.25
N LYS C 63 -9.53 -0.71 -16.00
CA LYS C 63 -8.96 -1.88 -16.62
C LYS C 63 -9.61 -3.13 -16.03
N LYS C 64 -9.74 -3.14 -14.69
CA LYS C 64 -10.38 -4.33 -14.11
C LYS C 64 -11.71 -4.51 -14.80
N LEU C 65 -12.48 -3.42 -14.92
CA LEU C 65 -13.76 -3.43 -15.62
C LEU C 65 -13.69 -3.92 -17.10
N GLN C 66 -12.75 -3.35 -17.85
CA GLN C 66 -12.49 -3.83 -19.23
C GLN C 66 -12.21 -5.29 -19.34
N GLN C 67 -11.48 -5.86 -18.38
CA GLN C 67 -11.32 -7.32 -18.42
C GLN C 67 -12.66 -8.03 -18.13
N GLN C 68 -13.44 -7.49 -17.19
CA GLN C 68 -14.59 -8.25 -16.72
C GLN C 68 -15.62 -8.27 -17.82
N GLN C 69 -15.75 -7.13 -18.52
CA GLN C 69 -16.58 -7.07 -19.73
C GLN C 69 -16.17 -8.06 -20.79
N GLN C 70 -14.91 -8.51 -20.78
CA GLN C 70 -14.43 -9.49 -21.78
C GLN C 70 -14.30 -10.95 -21.26
N GLN C 71 -14.47 -11.15 -19.95
CA GLN C 71 -14.68 -12.52 -19.42
C GLN C 71 -15.99 -12.65 -18.63
N LYS D 2 10.24 -21.90 6.41
CA LYS D 2 11.66 -21.55 6.64
C LYS D 2 11.83 -21.09 8.12
N ASP D 3 12.95 -21.43 8.75
CA ASP D 3 13.17 -20.96 10.12
C ASP D 3 14.64 -20.97 10.62
N LYS D 4 14.99 -19.76 11.09
CA LYS D 4 16.18 -19.40 11.89
C LYS D 4 16.31 -17.80 11.70
N TYR D 5 15.52 -17.00 12.44
CA TYR D 5 14.23 -17.28 13.08
C TYR D 5 13.07 -16.50 12.41
N ARG D 6 13.40 -15.25 12.04
CA ARG D 6 12.69 -14.46 11.07
C ARG D 6 13.58 -13.40 10.44
N VAL D 7 13.31 -13.06 9.18
CA VAL D 7 14.09 -12.12 8.41
C VAL D 7 13.27 -10.84 8.15
N VAL D 8 13.91 -9.69 8.14
CA VAL D 8 13.23 -8.46 7.82
C VAL D 8 13.14 -8.28 6.32
N TYR D 9 11.96 -7.95 5.83
CA TYR D 9 11.84 -7.72 4.41
C TYR D 9 12.26 -6.31 4.11
N THR D 10 12.93 -6.13 2.97
CA THR D 10 13.36 -4.83 2.53
C THR D 10 12.16 -3.93 2.25
N ASP D 11 12.37 -2.62 2.43
CA ASP D 11 11.32 -1.64 2.18
C ASP D 11 10.70 -1.82 0.73
N HIS D 12 11.55 -2.17 -0.24
CA HIS D 12 11.07 -2.41 -1.59
C HIS D 12 10.20 -3.68 -1.67
N GLN D 13 10.56 -4.68 -0.91
CA GLN D 13 9.75 -5.88 -0.93
C GLN D 13 8.44 -5.58 -0.26
N ARG D 14 8.47 -4.87 0.86
CA ARG D 14 7.18 -4.51 1.47
C ARG D 14 6.28 -3.66 0.54
N LEU D 15 6.87 -2.67 -0.08
CA LEU D 15 6.12 -1.82 -0.97
C LEU D 15 5.31 -2.56 -2.03
N GLU D 16 6.00 -3.41 -2.78
CA GLU D 16 5.32 -4.24 -3.77
C GLU D 16 4.17 -5.07 -3.19
N LEU D 17 4.42 -5.65 -2.01
CA LEU D 17 3.37 -6.43 -1.38
C LEU D 17 2.18 -5.56 -0.99
N GLU D 18 2.44 -4.41 -0.38
CA GLU D 18 1.34 -3.48 -0.12
C GLU D 18 0.56 -3.07 -1.37
N LYS D 19 1.28 -2.80 -2.47
CA LYS D 19 0.58 -2.45 -3.70
C LYS D 19 -0.37 -3.54 -4.18
N GLU D 20 0.25 -4.71 -4.29
CA GLU D 20 -0.48 -5.91 -4.69
C GLU D 20 -1.72 -6.19 -3.77
N PHE D 21 -1.52 -5.96 -2.48
CA PHE D 21 -2.63 -6.11 -1.56
C PHE D 21 -3.74 -5.14 -1.85
N HIS D 22 -3.42 -3.92 -2.24
CA HIS D 22 -4.46 -2.95 -2.61
C HIS D 22 -5.09 -3.39 -3.90
N TYR D 23 -4.32 -4.03 -4.78
CA TYR D 23 -4.92 -4.60 -5.99
C TYR D 23 -5.96 -5.67 -5.61
N SER D 24 -5.60 -6.63 -4.75
CA SER D 24 -6.61 -7.62 -4.23
C SER D 24 -6.17 -8.20 -2.93
N ARG D 25 -7.08 -8.36 -1.98
CA ARG D 25 -6.70 -8.87 -0.67
C ARG D 25 -6.30 -10.38 -0.61
N TYR D 26 -6.60 -11.15 -1.65
CA TYR D 26 -6.31 -12.55 -1.76
C TYR D 26 -5.56 -12.68 -3.03
N ILE D 27 -4.45 -13.35 -2.96
CA ILE D 27 -3.58 -13.40 -4.09
C ILE D 27 -3.81 -14.73 -4.79
N THR D 28 -3.68 -14.73 -6.12
CA THR D 28 -4.00 -15.90 -6.88
C THR D 28 -2.77 -16.70 -6.92
N ILE D 29 -2.95 -17.96 -7.23
CA ILE D 29 -1.85 -18.88 -7.27
C ILE D 29 -0.82 -18.40 -8.33
N ARG D 30 -1.33 -17.89 -9.45
CA ARG D 30 -0.44 -17.36 -10.48
C ARG D 30 0.30 -16.11 -9.99
N ARG D 31 -0.46 -15.10 -9.57
CA ARG D 31 0.12 -13.86 -9.06
C ARG D 31 1.19 -14.11 -8.01
N LYS D 32 0.83 -14.99 -7.07
CA LYS D 32 1.76 -15.41 -6.02
C LYS D 32 3.09 -15.83 -6.62
N ALA D 33 3.00 -16.64 -7.65
CA ALA D 33 4.22 -17.09 -8.30
C ALA D 33 4.97 -15.93 -9.03
N GLU D 34 4.26 -14.98 -9.63
CA GLU D 34 4.95 -13.82 -10.31
C GLU D 34 5.76 -13.12 -9.21
N LEU D 35 4.98 -12.60 -8.27
CA LEU D 35 5.51 -11.85 -7.15
C LEU D 35 6.68 -12.54 -6.44
N ALA D 36 6.49 -13.81 -6.05
CA ALA D 36 7.64 -14.46 -5.38
C ALA D 36 8.93 -14.31 -6.23
N ALA D 37 8.77 -14.63 -7.52
CA ALA D 37 9.90 -14.73 -8.41
C ALA D 37 10.51 -13.35 -8.55
N THR D 38 9.70 -12.32 -8.75
CA THR D 38 10.29 -11.02 -8.93
C THR D 38 10.83 -10.48 -7.62
N LEU D 39 10.37 -10.92 -6.46
CA LEU D 39 10.83 -10.26 -5.23
C LEU D 39 11.89 -11.00 -4.50
N GLY D 40 12.18 -12.24 -4.92
CA GLY D 40 13.21 -13.00 -4.25
C GLY D 40 12.69 -13.36 -2.87
N LEU D 41 11.56 -14.05 -2.86
CA LEU D 41 11.00 -14.62 -1.63
C LEU D 41 10.32 -15.85 -2.05
N SER D 42 10.00 -16.69 -1.11
CA SER D 42 9.25 -17.87 -1.45
C SER D 42 7.73 -17.67 -1.48
N GLU D 43 7.13 -18.60 -2.21
CA GLU D 43 5.68 -18.63 -2.36
C GLU D 43 5.07 -18.73 -1.01
N ARG D 44 5.70 -19.48 -0.14
CA ARG D 44 5.12 -19.66 1.18
C ARG D 44 5.21 -18.32 1.96
N GLN D 45 6.33 -17.63 1.79
CA GLN D 45 6.46 -16.36 2.47
C GLN D 45 5.41 -15.37 1.97
N VAL D 46 5.15 -15.41 0.66
CA VAL D 46 4.15 -14.56 0.12
C VAL D 46 2.78 -14.93 0.61
N LYS D 47 2.49 -16.22 0.65
CA LYS D 47 1.25 -16.73 1.25
C LYS D 47 0.99 -16.14 2.60
N ILE D 48 2.02 -16.33 3.42
CA ILE D 48 1.91 -15.95 4.78
C ILE D 48 1.79 -14.46 4.96
N TRP D 49 2.52 -13.73 4.13
CA TRP D 49 2.49 -12.26 4.29
C TRP D 49 1.06 -11.75 4.05
N PHE D 50 0.43 -12.31 3.03
CA PHE D 50 -0.98 -12.04 2.76
C PHE D 50 -1.88 -12.45 3.89
N GLN D 51 -1.63 -13.63 4.43
CA GLN D 51 -2.39 -13.88 5.68
C GLN D 51 -2.19 -12.80 6.78
N ASN D 52 -0.94 -12.43 7.09
CA ASN D 52 -0.73 -11.44 8.15
C ASN D 52 -1.36 -10.07 7.83
N ARG D 53 -1.28 -9.68 6.58
CA ARG D 53 -1.85 -8.36 6.20
C ARG D 53 -3.37 -8.32 6.42
N ARG D 54 -4.07 -9.42 6.10
CA ARG D 54 -5.48 -9.49 6.39
C ARG D 54 -5.70 -9.48 7.91
N ALA D 55 -4.80 -10.06 8.67
CA ALA D 55 -5.04 -9.98 10.14
C ALA D 55 -4.88 -8.54 10.72
N LYS D 56 -3.91 -7.87 10.09
CA LYS D 56 -3.67 -6.54 10.45
C LYS D 56 -4.90 -5.71 10.06
N GLU D 57 -5.46 -6.00 8.87
CA GLU D 57 -6.61 -5.24 8.45
C GLU D 57 -7.75 -5.52 9.42
N ARG D 58 -7.94 -6.78 9.82
CA ARG D 58 -9.06 -6.96 10.77
C ARG D 58 -8.90 -6.17 12.06
N LYS D 59 -7.64 -6.22 12.53
CA LYS D 59 -7.32 -5.48 13.71
C LYS D 59 -7.52 -3.93 13.54
N ILE D 60 -7.11 -3.34 12.43
CA ILE D 60 -7.38 -1.91 12.20
C ILE D 60 -8.88 -1.61 12.05
N ASN D 61 -9.62 -2.54 11.40
CA ASN D 61 -11.05 -2.31 11.24
C ASN D 61 -11.82 -2.36 12.56
N LYS D 62 -11.54 -3.37 13.38
CA LYS D 62 -12.14 -3.35 14.75
C LYS D 62 -11.96 -2.01 15.50
N LYS D 63 -10.79 -1.44 15.38
CA LYS D 63 -10.49 -0.19 16.03
C LYS D 63 -11.27 0.94 15.36
N LYS D 64 -11.28 0.94 14.04
CA LYS D 64 -12.06 1.98 13.36
C LYS D 64 -13.48 1.90 13.92
N LEU D 65 -14.04 0.69 13.99
CA LEU D 65 -15.38 0.47 14.55
C LEU D 65 -15.53 0.97 16.02
N GLN D 66 -14.59 0.57 16.87
CA GLN D 66 -14.57 1.07 18.27
C GLN D 66 -14.56 2.57 18.36
N GLN D 67 -13.85 3.27 17.49
CA GLN D 67 -13.95 4.73 17.52
C GLN D 67 -15.34 5.19 17.08
N GLN D 68 -15.91 4.53 16.08
CA GLN D 68 -17.12 5.09 15.48
C GLN D 68 -18.25 4.91 16.46
N GLN D 69 -18.25 3.77 17.17
CA GLN D 69 -19.17 3.56 18.28
C GLN D 69 -19.05 4.62 19.35
N GLN D 70 -17.89 5.28 19.48
CA GLN D 70 -17.70 6.30 20.52
C GLN D 70 -17.80 7.77 20.08
N GLN D 71 -17.57 8.10 18.81
CA GLN D 71 -17.43 9.52 18.45
C GLN D 71 -18.66 10.13 17.76
#